data_2Q2X
#
_entry.id   2Q2X
#
_cell.length_a   105.433
_cell.length_b   105.433
_cell.length_c   46.314
_cell.angle_alpha   90.00
_cell.angle_beta   90.00
_cell.angle_gamma   120.00
#
_symmetry.space_group_name_H-M   'P 3 2 1'
#
loop_
_entity.id
_entity.type
_entity.pdbx_description
1 polymer CurF
2 non-polymer GLYCEROL
3 water water
#
_entity_poly.entity_id   1
_entity_poly.type   'polypeptide(L)'
_entity_poly.pdbx_seq_one_letter_code
;NAVVQLTELGNGVVQIT(MSE)KDESSRNGFSPSIVEGLRHCFSVVAQNQQYKVVILTGYGNYFSSGASKEYLIRKTRGE
VEVLDLSGLILDCEIPIIAA(MSE)QGHSFGGGLLLGLYADFVVFSQESVYATNF(MSE)KYGFTPVGATSLILREKLGS
ELAQE(MSE)IYTGENYRGKELAERGIPFPVVSRQDVLNYAQQLGQKIAKSPRLSLVALKQHLSADIKAKFPEAIKKELE
IHQVTFNQPEIASRIQQEF
;
_entity_poly.pdbx_strand_id   A
#
loop_
_chem_comp.id
_chem_comp.type
_chem_comp.name
_chem_comp.formula
GOL non-polymer GLYCEROL 'C3 H8 O3'
#
# COMPACT_ATOMS: atom_id res chain seq x y z
N ALA A 2 -17.65 -8.39 2.72
CA ALA A 2 -18.42 -7.84 1.57
C ALA A 2 -17.72 -6.63 0.95
N VAL A 3 -17.05 -5.85 1.79
CA VAL A 3 -16.30 -4.68 1.32
C VAL A 3 -14.99 -5.05 0.60
N VAL A 4 -14.52 -6.27 0.82
CA VAL A 4 -13.37 -6.82 0.07
C VAL A 4 -13.75 -8.16 -0.58
N GLN A 5 -13.77 -8.19 -1.91
CA GLN A 5 -14.17 -9.41 -2.65
C GLN A 5 -13.03 -10.00 -3.51
N LEU A 6 -12.91 -11.33 -3.47
CA LEU A 6 -11.98 -12.07 -4.30
C LEU A 6 -12.70 -12.72 -5.49
N THR A 7 -12.22 -12.40 -6.70
CA THR A 7 -12.76 -12.99 -7.92
C THR A 7 -11.68 -13.62 -8.82
N GLU A 8 -12.01 -14.75 -9.43
CA GLU A 8 -11.09 -15.47 -10.32
C GLU A 8 -11.15 -14.94 -11.73
N LEU A 9 -9.98 -14.69 -12.32
CA LEU A 9 -9.90 -14.09 -13.64
C LEU A 9 -9.46 -15.08 -14.71
N GLY A 10 -9.04 -16.27 -14.28
CA GLY A 10 -8.59 -17.33 -15.20
C GLY A 10 -7.08 -17.42 -15.29
N ASN A 11 -6.59 -18.65 -15.45
CA ASN A 11 -5.15 -18.95 -15.53
C ASN A 11 -4.44 -18.69 -14.20
N GLY A 12 -5.18 -18.84 -13.10
CA GLY A 12 -4.61 -18.67 -11.76
C GLY A 12 -4.43 -17.23 -11.33
N VAL A 13 -4.90 -16.28 -12.15
CA VAL A 13 -4.89 -14.88 -11.81
C VAL A 13 -6.18 -14.54 -11.06
N VAL A 14 -6.03 -14.04 -9.85
CA VAL A 14 -7.17 -13.56 -9.07
C VAL A 14 -7.10 -12.06 -8.78
N GLN A 15 -8.27 -11.49 -8.45
CA GLN A 15 -8.39 -10.07 -8.13
C GLN A 15 -8.99 -9.90 -6.73
N ILE A 16 -8.35 -9.05 -5.93
CA ILE A 16 -8.87 -8.65 -4.62
C ILE A 16 -9.30 -7.20 -4.74
N THR A 17 -10.60 -6.96 -4.62
CA THR A 17 -11.15 -5.62 -4.84
C THR A 17 -11.65 -5.02 -3.53
N MSE A 18 -11.10 -3.86 -3.18
CA MSE A 18 -11.46 -3.12 -1.97
C MSE A 18 -12.55 -2.10 -2.31
O MSE A 18 -12.33 -1.20 -3.12
CB MSE A 18 -10.24 -2.38 -1.39
CG MSE A 18 -9.17 -3.28 -0.78
SE MSE A 18 -7.61 -2.22 -0.20
CE MSE A 18 -6.87 -1.81 -1.98
N LYS A 19 -13.72 -2.26 -1.69
CA LYS A 19 -14.81 -1.31 -1.89
C LYS A 19 -15.54 -1.03 -0.57
N ASP A 20 -15.09 0.00 0.14
CA ASP A 20 -15.78 0.49 1.32
C ASP A 20 -15.98 1.98 1.12
N GLU A 21 -17.14 2.32 0.57
CA GLU A 21 -17.39 3.68 0.13
C GLU A 21 -17.56 4.68 1.28
N SER A 22 -18.04 4.21 2.43
CA SER A 22 -18.19 5.08 3.63
C SER A 22 -16.86 5.68 4.10
N SER A 23 -15.80 4.86 4.09
CA SER A 23 -14.47 5.27 4.55
C SER A 23 -13.52 5.67 3.41
N ARG A 24 -13.98 5.52 2.17
CA ARG A 24 -13.15 5.79 0.99
C ARG A 24 -11.96 4.84 0.94
N ASN A 25 -12.24 3.55 1.16
CA ASN A 25 -11.19 2.53 1.21
C ASN A 25 -10.10 2.89 2.23
N GLY A 26 -10.49 3.50 3.34
CA GLY A 26 -9.56 3.70 4.45
C GLY A 26 -9.36 2.40 5.19
N PHE A 27 -8.44 2.38 6.16
CA PHE A 27 -8.24 1.16 6.96
C PHE A 27 -9.32 1.02 8.03
N SER A 28 -10.58 0.90 7.58
CA SER A 28 -11.72 0.67 8.45
C SER A 28 -11.70 -0.77 8.93
N PRO A 29 -12.40 -1.07 10.05
CA PRO A 29 -12.48 -2.47 10.51
C PRO A 29 -12.89 -3.47 9.42
N SER A 30 -13.81 -3.08 8.55
CA SER A 30 -14.30 -4.00 7.56
C SER A 30 -13.30 -4.20 6.41
N ILE A 31 -12.55 -3.14 6.11
CA ILE A 31 -11.46 -3.22 5.12
C ILE A 31 -10.34 -4.15 5.62
N VAL A 32 -9.91 -3.99 6.87
CA VAL A 32 -8.85 -4.80 7.46
C VAL A 32 -9.29 -6.26 7.57
N GLU A 33 -10.55 -6.48 7.97
CA GLU A 33 -11.10 -7.83 8.05
C GLU A 33 -11.19 -8.49 6.67
N GLY A 34 -11.66 -7.74 5.69
CA GLY A 34 -11.81 -8.25 4.33
C GLY A 34 -10.47 -8.57 3.68
N LEU A 35 -9.46 -7.72 3.92
CA LEU A 35 -8.12 -7.96 3.40
C LEU A 35 -7.53 -9.22 4.01
N ARG A 36 -7.54 -9.33 5.34
CA ARG A 36 -7.04 -10.53 6.03
C ARG A 36 -7.75 -11.82 5.56
N HIS A 37 -9.06 -11.73 5.33
CA HIS A 37 -9.84 -12.87 4.86
C HIS A 37 -9.44 -13.27 3.43
N CYS A 38 -9.48 -12.30 2.53
CA CYS A 38 -9.14 -12.56 1.13
C CYS A 38 -7.71 -13.06 0.94
N PHE A 39 -6.77 -12.56 1.71
CA PHE A 39 -5.39 -13.01 1.60
C PHE A 39 -5.16 -14.40 2.22
N SER A 40 -5.91 -14.73 3.28
CA SER A 40 -5.84 -16.08 3.85
C SER A 40 -6.48 -17.11 2.90
N VAL A 41 -7.51 -16.70 2.17
CA VAL A 41 -8.10 -17.55 1.10
C VAL A 41 -7.04 -17.89 0.04
N VAL A 42 -6.31 -16.87 -0.39
CA VAL A 42 -5.18 -17.04 -1.31
C VAL A 42 -4.16 -18.03 -0.73
N ALA A 43 -3.83 -17.88 0.54
CA ALA A 43 -2.83 -18.73 1.20
C ALA A 43 -3.18 -20.22 1.21
N GLN A 44 -4.47 -20.54 1.26
CA GLN A 44 -4.94 -21.93 1.32
C GLN A 44 -4.98 -22.59 -0.05
N ASN A 45 -5.23 -21.75 -1.06
CA ASN A 45 -5.31 -22.18 -2.44
C ASN A 45 -3.92 -22.33 -3.04
N GLN A 46 -3.64 -23.48 -3.62
CA GLN A 46 -2.34 -23.75 -4.21
C GLN A 46 -2.39 -23.67 -5.74
N GLN A 47 -3.53 -23.22 -6.27
CA GLN A 47 -3.73 -23.10 -7.71
C GLN A 47 -3.49 -21.69 -8.22
N TYR A 48 -3.62 -20.70 -7.34
CA TYR A 48 -3.44 -19.29 -7.72
C TYR A 48 -1.99 -18.92 -7.98
N LYS A 49 -1.79 -18.05 -8.96
CA LYS A 49 -0.46 -17.63 -9.42
C LYS A 49 -0.16 -16.14 -9.26
N VAL A 50 -1.18 -15.31 -9.44
CA VAL A 50 -1.02 -13.85 -9.37
C VAL A 50 -2.24 -13.23 -8.70
N VAL A 51 -2.02 -12.26 -7.80
CA VAL A 51 -3.10 -11.42 -7.28
C VAL A 51 -2.98 -9.97 -7.73
N ILE A 52 -4.10 -9.43 -8.19
CA ILE A 52 -4.23 -8.02 -8.50
C ILE A 52 -5.05 -7.40 -7.39
N LEU A 53 -4.43 -6.48 -6.67
CA LEU A 53 -5.08 -5.77 -5.58
C LEU A 53 -5.51 -4.40 -6.12
N THR A 54 -6.77 -4.06 -5.94
CA THR A 54 -7.30 -2.82 -6.53
C THR A 54 -8.38 -2.23 -5.59
N GLY A 55 -8.70 -0.96 -5.78
CA GLY A 55 -9.78 -0.35 -5.01
C GLY A 55 -11.04 -0.15 -5.84
N TYR A 56 -11.80 0.90 -5.48
CA TYR A 56 -13.01 1.30 -6.21
C TYR A 56 -13.03 2.78 -6.52
N GLY A 57 -13.62 3.12 -7.65
CA GLY A 57 -13.87 4.51 -8.01
C GLY A 57 -12.60 5.32 -7.97
N ASN A 58 -12.66 6.46 -7.28
CA ASN A 58 -11.51 7.34 -7.20
C ASN A 58 -10.50 6.93 -6.11
N TYR A 59 -10.69 5.77 -5.50
CA TYR A 59 -9.83 5.35 -4.38
C TYR A 59 -9.20 3.97 -4.49
N PHE A 60 -7.88 3.92 -4.38
CA PHE A 60 -7.19 2.65 -4.07
C PHE A 60 -7.28 2.43 -2.56
N SER A 61 -6.62 3.27 -1.80
CA SER A 61 -6.62 3.12 -0.35
C SER A 61 -6.30 4.42 0.35
N SER A 62 -7.15 4.78 1.31
CA SER A 62 -6.98 6.03 2.06
C SER A 62 -6.15 5.90 3.33
N GLY A 63 -5.84 4.68 3.72
CA GLY A 63 -5.03 4.43 4.91
C GLY A 63 -5.81 4.81 6.15
N ALA A 64 -5.10 5.29 7.19
CA ALA A 64 -5.76 5.62 8.46
C ALA A 64 -6.49 6.95 8.35
N SER A 65 -7.75 6.99 8.80
CA SER A 65 -8.51 8.25 8.77
C SER A 65 -7.98 9.24 9.79
N LYS A 66 -8.31 10.52 9.61
CA LYS A 66 -7.91 11.55 10.56
C LYS A 66 -8.59 11.31 11.91
N GLU A 67 -9.78 10.73 11.86
CA GLU A 67 -10.53 10.37 13.08
C GLU A 67 -9.73 9.34 13.88
N TYR A 68 -9.20 8.34 13.18
CA TYR A 68 -8.36 7.31 13.77
C TYR A 68 -7.13 7.92 14.42
N LEU A 69 -6.49 8.83 13.71
CA LEU A 69 -5.31 9.52 14.23
C LEU A 69 -5.62 10.30 15.51
N ILE A 70 -6.78 10.96 15.55
CA ILE A 70 -7.20 11.66 16.78
C ILE A 70 -7.40 10.66 17.92
N ARG A 71 -8.09 9.56 17.67
CA ARG A 71 -8.20 8.49 18.67
C ARG A 71 -6.81 8.02 19.15
N LYS A 72 -5.87 7.94 18.21
CA LYS A 72 -4.50 7.56 18.56
C LYS A 72 -3.76 8.55 19.46
N THR A 73 -3.97 9.86 19.29
CA THR A 73 -3.36 10.87 20.19
C THR A 73 -3.78 10.65 21.65
N ARG A 74 -4.91 9.98 21.83
CA ARG A 74 -5.47 9.68 23.16
C ARG A 74 -5.26 8.21 23.56
N GLY A 75 -4.41 7.51 22.81
CA GLY A 75 -4.08 6.10 23.06
C GLY A 75 -5.25 5.14 23.04
N GLU A 76 -6.25 5.42 22.20
CA GLU A 76 -7.46 4.60 22.17
C GLU A 76 -7.39 3.48 21.13
N VAL A 77 -6.38 3.54 20.25
CA VAL A 77 -6.28 2.60 19.12
C VAL A 77 -4.85 2.15 18.86
N GLU A 78 -4.69 0.91 18.41
CA GLU A 78 -3.38 0.37 18.09
C GLU A 78 -2.81 1.01 16.81
N VAL A 79 -1.49 0.90 16.64
CA VAL A 79 -0.87 1.16 15.33
C VAL A 79 -1.25 -0.02 14.41
N LEU A 80 -1.83 0.25 13.25
CA LEU A 80 -2.13 -0.81 12.28
C LEU A 80 -0.88 -1.17 11.45
N ASP A 81 -0.54 -2.46 11.38
CA ASP A 81 0.55 -2.94 10.50
C ASP A 81 0.06 -3.99 9.50
N LEU A 82 -0.39 -3.51 8.34
CA LEU A 82 -0.91 -4.40 7.27
C LEU A 82 0.16 -5.00 6.33
N SER A 83 1.43 -4.71 6.59
CA SER A 83 2.51 -5.18 5.73
C SER A 83 2.55 -6.69 5.54
N GLY A 84 2.34 -7.43 6.62
CA GLY A 84 2.34 -8.90 6.60
C GLY A 84 1.48 -9.50 5.50
N LEU A 85 0.28 -8.96 5.32
CA LEU A 85 -0.67 -9.44 4.31
C LEU A 85 -0.13 -9.45 2.91
N ILE A 86 0.63 -8.42 2.58
CA ILE A 86 1.23 -8.30 1.26
C ILE A 86 2.54 -9.08 1.27
N LEU A 87 3.36 -8.82 2.28
CA LEU A 87 4.70 -9.38 2.35
C LEU A 87 4.78 -10.89 2.53
N ASP A 88 3.80 -11.46 3.23
CA ASP A 88 3.77 -12.91 3.46
C ASP A 88 3.00 -13.72 2.42
N CYS A 89 2.36 -13.04 1.47
CA CYS A 89 1.73 -13.68 0.32
C CYS A 89 2.79 -14.35 -0.56
N GLU A 90 2.60 -15.65 -0.83
CA GLU A 90 3.63 -16.45 -1.53
C GLU A 90 3.76 -16.12 -3.01
N ILE A 91 2.67 -15.60 -3.59
CA ILE A 91 2.62 -15.34 -5.03
C ILE A 91 2.70 -13.85 -5.37
N PRO A 92 3.20 -13.50 -6.57
CA PRO A 92 3.32 -12.08 -6.94
C PRO A 92 1.98 -11.36 -6.87
N ILE A 93 2.05 -10.12 -6.38
CA ILE A 93 0.89 -9.25 -6.27
C ILE A 93 1.16 -8.07 -7.15
N ILE A 94 0.15 -7.66 -7.91
CA ILE A 94 0.16 -6.42 -8.66
C ILE A 94 -0.82 -5.43 -7.98
N ALA A 95 -0.32 -4.28 -7.54
CA ALA A 95 -1.19 -3.25 -6.98
C ALA A 95 -1.68 -2.35 -8.11
N ALA A 96 -2.92 -2.53 -8.52
CA ALA A 96 -3.51 -1.66 -9.55
C ALA A 96 -4.15 -0.47 -8.83
N MSE A 97 -3.40 0.62 -8.73
CA MSE A 97 -3.83 1.76 -7.93
C MSE A 97 -4.56 2.73 -8.84
O MSE A 97 -4.00 3.71 -9.30
CB MSE A 97 -2.63 2.42 -7.22
CG MSE A 97 -1.86 1.44 -6.34
SE MSE A 97 -0.70 2.20 -4.99
CE MSE A 97 0.48 3.32 -6.00
N GLN A 98 -5.81 2.41 -9.11
CA GLN A 98 -6.57 3.13 -10.12
C GLN A 98 -7.03 4.48 -9.60
N GLY A 99 -6.95 4.65 -8.27
CA GLY A 99 -7.32 5.88 -7.59
C GLY A 99 -6.28 6.30 -6.55
N HIS A 100 -6.66 7.26 -5.70
CA HIS A 100 -5.74 7.91 -4.76
C HIS A 100 -5.24 6.90 -3.72
N SER A 101 -4.00 7.09 -3.26
CA SER A 101 -3.42 6.28 -2.18
C SER A 101 -2.70 7.17 -1.19
N PHE A 102 -3.09 7.11 0.09
CA PHE A 102 -2.54 7.99 1.12
C PHE A 102 -1.95 7.22 2.30
N GLY A 103 -0.79 7.66 2.76
CA GLY A 103 -0.10 7.10 3.93
C GLY A 103 0.03 5.59 3.83
N GLY A 104 -0.46 4.90 4.84
CA GLY A 104 -0.43 3.45 4.82
C GLY A 104 -1.11 2.88 3.60
N GLY A 105 -1.95 3.68 2.95
CA GLY A 105 -2.63 3.25 1.73
C GLY A 105 -1.66 3.20 0.58
N LEU A 106 -0.73 4.14 0.54
CA LEU A 106 0.29 4.11 -0.50
C LEU A 106 1.26 2.96 -0.24
N LEU A 107 1.64 2.78 1.02
CA LEU A 107 2.53 1.69 1.40
C LEU A 107 1.95 0.35 1.05
N LEU A 108 0.64 0.19 1.29
CA LEU A 108 -0.05 -1.05 0.97
C LEU A 108 0.22 -1.47 -0.47
N GLY A 109 0.17 -0.49 -1.38
CA GLY A 109 0.48 -0.77 -2.79
C GLY A 109 1.96 -0.96 -3.05
N LEU A 110 2.81 -0.13 -2.44
CA LEU A 110 4.24 -0.22 -2.70
C LEU A 110 4.94 -1.49 -2.15
N TYR A 111 4.29 -2.19 -1.21
CA TYR A 111 4.81 -3.48 -0.73
C TYR A 111 4.67 -4.57 -1.80
N ALA A 112 3.76 -4.37 -2.75
CA ALA A 112 3.51 -5.34 -3.82
C ALA A 112 4.70 -5.47 -4.77
N ASP A 113 4.71 -6.55 -5.54
CA ASP A 113 5.84 -6.86 -6.42
C ASP A 113 5.84 -5.98 -7.66
N PHE A 114 4.64 -5.64 -8.13
CA PHE A 114 4.46 -4.73 -9.25
C PHE A 114 3.42 -3.69 -8.84
N VAL A 115 3.59 -2.46 -9.31
CA VAL A 115 2.64 -1.39 -9.01
C VAL A 115 2.26 -0.60 -10.28
N VAL A 116 0.95 -0.35 -10.44
CA VAL A 116 0.45 0.50 -11.54
C VAL A 116 -0.24 1.73 -10.95
N PHE A 117 0.19 2.92 -11.40
CA PHE A 117 -0.38 4.17 -10.96
C PHE A 117 -1.41 4.70 -11.96
N SER A 118 -2.38 5.43 -11.44
CA SER A 118 -3.29 6.25 -12.26
C SER A 118 -2.71 7.65 -12.45
N GLN A 119 -2.73 8.14 -13.69
CA GLN A 119 -2.25 9.48 -14.06
C GLN A 119 -2.91 10.65 -13.31
N GLU A 120 -4.20 10.51 -13.08
CA GLU A 120 -5.04 11.61 -12.61
C GLU A 120 -5.17 11.62 -11.08
N SER A 121 -4.80 10.50 -10.46
CA SER A 121 -4.97 10.32 -9.03
C SER A 121 -3.88 10.97 -8.20
N VAL A 122 -4.09 11.04 -6.89
CA VAL A 122 -3.19 11.73 -5.98
C VAL A 122 -2.49 10.68 -5.07
N TYR A 123 -1.19 10.81 -4.86
CA TYR A 123 -0.42 9.83 -4.10
C TYR A 123 0.41 10.54 -3.04
N ALA A 124 0.40 10.04 -1.80
CA ALA A 124 1.12 10.75 -0.73
C ALA A 124 1.59 9.83 0.42
N THR A 125 2.80 10.05 0.94
CA THR A 125 3.15 9.53 2.25
C THR A 125 2.88 10.69 3.20
N ASN A 126 1.66 10.65 3.74
CA ASN A 126 0.94 11.67 4.53
C ASN A 126 1.56 12.12 5.87
N PHE A 127 2.25 11.20 6.52
CA PHE A 127 2.72 11.39 7.88
C PHE A 127 3.20 12.78 8.24
N MSE A 128 4.18 13.29 7.51
CA MSE A 128 4.74 14.59 7.81
C MSE A 128 3.82 15.76 7.46
O MSE A 128 4.07 16.88 7.88
CB MSE A 128 6.13 14.77 7.17
CG MSE A 128 7.21 13.93 7.85
SE MSE A 128 7.72 14.60 9.62
CE MSE A 128 8.99 15.94 9.09
N LYS A 129 2.75 15.52 6.72
CA LYS A 129 1.73 16.56 6.55
C LYS A 129 1.19 16.94 7.94
N TYR A 130 1.01 15.93 8.80
CA TYR A 130 0.56 16.15 10.18
C TYR A 130 1.66 16.48 11.18
N GLY A 131 2.91 16.49 10.73
CA GLY A 131 4.04 16.83 11.59
C GLY A 131 4.79 15.69 12.24
N PHE A 132 4.45 14.45 11.88
CA PHE A 132 5.13 13.30 12.49
C PHE A 132 5.72 12.33 11.45
N THR A 133 6.59 11.44 11.94
CA THR A 133 7.32 10.48 11.11
C THR A 133 6.55 9.20 10.73
N PRO A 134 6.96 8.55 9.62
CA PRO A 134 6.22 7.41 9.07
C PRO A 134 6.24 6.17 9.95
N VAL A 135 5.31 5.26 9.64
CA VAL A 135 5.35 3.88 10.12
C VAL A 135 5.33 2.96 8.92
N GLY A 136 5.60 1.67 9.16
CA GLY A 136 5.43 0.63 8.15
C GLY A 136 6.64 0.37 7.24
N ALA A 137 7.81 0.81 7.68
CA ALA A 137 9.06 0.76 6.90
C ALA A 137 8.96 1.57 5.60
N THR A 138 8.37 2.75 5.73
CA THR A 138 8.21 3.69 4.62
C THR A 138 9.54 4.03 3.95
N SER A 139 10.52 4.46 4.75
CA SER A 139 11.86 4.79 4.26
C SER A 139 12.45 3.65 3.41
N LEU A 140 12.42 2.44 3.96
CA LEU A 140 12.97 1.26 3.27
C LEU A 140 12.30 1.02 1.93
N ILE A 141 10.97 0.90 1.93
CA ILE A 141 10.23 0.54 0.74
C ILE A 141 10.25 1.68 -0.29
N LEU A 142 10.08 2.92 0.16
CA LEU A 142 10.04 4.05 -0.79
C LEU A 142 11.37 4.29 -1.49
N ARG A 143 12.44 4.22 -0.72
CA ARG A 143 13.77 4.37 -1.30
C ARG A 143 14.08 3.23 -2.27
N GLU A 144 13.69 2.02 -1.91
CA GLU A 144 13.87 0.87 -2.80
C GLU A 144 13.06 0.99 -4.08
N LYS A 145 11.79 1.38 -3.99
CA LYS A 145 10.93 1.35 -5.17
C LYS A 145 10.97 2.64 -6.00
N LEU A 146 11.16 3.78 -5.34
CA LEU A 146 11.06 5.08 -6.03
C LEU A 146 12.38 5.80 -6.19
N GLY A 147 13.40 5.30 -5.51
CA GLY A 147 14.72 5.94 -5.49
C GLY A 147 14.78 6.87 -4.30
N SER A 148 15.98 7.11 -3.76
CA SER A 148 16.12 7.90 -2.53
C SER A 148 15.66 9.37 -2.60
N GLU A 149 15.84 10.02 -3.73
CA GLU A 149 15.55 11.46 -3.82
C GLU A 149 14.06 11.77 -3.90
N LEU A 150 13.32 11.02 -4.70
CA LEU A 150 11.88 11.17 -4.71
C LEU A 150 11.31 10.76 -3.36
N ALA A 151 11.81 9.63 -2.82
CA ALA A 151 11.35 9.13 -1.52
C ALA A 151 11.54 10.17 -0.43
N GLN A 152 12.74 10.73 -0.37
CA GLN A 152 13.11 11.73 0.62
C GLN A 152 12.19 12.95 0.57
N GLU A 153 11.96 13.48 -0.62
CA GLU A 153 11.06 14.63 -0.76
C GLU A 153 9.63 14.29 -0.37
N MSE A 154 9.14 13.15 -0.85
CA MSE A 154 7.79 12.69 -0.49
C MSE A 154 7.64 12.47 1.02
O MSE A 154 6.57 12.76 1.57
CB MSE A 154 7.43 11.40 -1.23
CG MSE A 154 7.23 11.59 -2.72
SE MSE A 154 6.55 9.95 -3.51
CE MSE A 154 4.68 10.07 -2.96
N ILE A 155 8.71 11.99 1.66
CA ILE A 155 8.63 11.70 3.11
C ILE A 155 8.73 12.97 3.96
N TYR A 156 9.71 13.83 3.67
CA TYR A 156 9.86 15.10 4.39
C TYR A 156 8.62 15.99 4.30
N THR A 157 8.00 16.07 3.12
CA THR A 157 6.91 17.03 2.91
C THR A 157 5.53 16.50 3.27
N GLY A 158 5.29 15.22 3.01
CA GLY A 158 3.98 14.61 3.23
C GLY A 158 2.99 15.02 2.14
N GLU A 159 3.46 15.78 1.18
CA GLU A 159 2.59 16.39 0.18
C GLU A 159 2.02 15.43 -0.86
N ASN A 160 0.99 15.90 -1.57
CA ASN A 160 0.24 15.14 -2.55
C ASN A 160 0.82 15.27 -3.96
N TYR A 161 0.96 14.14 -4.66
CA TYR A 161 1.52 14.07 -6.02
C TYR A 161 0.56 13.33 -6.95
N ARG A 162 0.20 13.97 -8.06
CA ARG A 162 -0.62 13.32 -9.06
C ARG A 162 0.24 12.26 -9.72
N GLY A 163 -0.36 11.14 -10.13
CA GLY A 163 0.33 10.13 -10.94
C GLY A 163 1.22 10.73 -12.02
N LYS A 164 0.66 11.64 -12.82
CA LYS A 164 1.39 12.31 -13.91
C LYS A 164 2.61 13.11 -13.46
N GLU A 165 2.55 13.70 -12.27
CA GLU A 165 3.71 14.41 -11.73
C GLU A 165 4.85 13.43 -11.40
N LEU A 166 4.49 12.24 -10.92
CA LEU A 166 5.46 11.20 -10.54
C LEU A 166 6.15 10.60 -11.77
N ALA A 167 5.39 10.32 -12.82
CA ALA A 167 5.98 9.91 -14.11
C ALA A 167 6.99 10.95 -14.60
N GLU A 168 6.58 12.22 -14.61
CA GLU A 168 7.45 13.32 -15.08
C GLU A 168 8.78 13.38 -14.34
N ARG A 169 8.79 12.90 -13.10
CA ARG A 169 10.05 12.79 -12.36
C ARG A 169 10.64 11.39 -12.40
N GLY A 170 10.20 10.62 -13.38
CA GLY A 170 10.79 9.34 -13.70
C GLY A 170 10.77 8.31 -12.60
N ILE A 171 9.56 7.88 -12.22
CA ILE A 171 9.42 6.66 -11.42
C ILE A 171 9.36 5.46 -12.37
N PRO A 172 9.92 4.31 -11.96
CA PRO A 172 9.98 3.12 -12.81
C PRO A 172 8.67 2.37 -13.00
N PHE A 173 7.57 2.89 -12.47
CA PHE A 173 6.31 2.18 -12.56
C PHE A 173 5.48 2.72 -13.72
N PRO A 174 4.60 1.89 -14.29
CA PRO A 174 3.65 2.43 -15.26
C PRO A 174 2.70 3.45 -14.61
N VAL A 175 2.48 4.56 -15.32
CA VAL A 175 1.50 5.56 -14.91
C VAL A 175 0.56 5.76 -16.10
N VAL A 176 -0.63 5.16 -16.03
CA VAL A 176 -1.60 5.22 -17.13
C VAL A 176 -2.92 5.86 -16.66
N SER A 177 -3.85 6.14 -17.59
CA SER A 177 -5.18 6.67 -17.25
C SER A 177 -5.95 5.72 -16.33
N ARG A 178 -6.76 6.27 -15.43
CA ARG A 178 -7.48 5.47 -14.43
C ARG A 178 -8.31 4.34 -15.02
N GLN A 179 -8.91 4.59 -16.18
CA GLN A 179 -9.75 3.60 -16.84
C GLN A 179 -8.90 2.46 -17.44
N ASP A 180 -7.60 2.71 -17.64
CA ASP A 180 -6.63 1.72 -18.13
C ASP A 180 -5.91 0.91 -17.03
N VAL A 181 -5.91 1.40 -15.79
CA VAL A 181 -5.07 0.81 -14.71
C VAL A 181 -5.29 -0.67 -14.47
N LEU A 182 -6.53 -1.06 -14.20
CA LEU A 182 -6.88 -2.45 -13.94
C LEU A 182 -6.66 -3.38 -15.14
N ASN A 183 -7.09 -2.94 -16.33
CA ASN A 183 -6.85 -3.68 -17.57
C ASN A 183 -5.37 -4.00 -17.77
N TYR A 184 -4.53 -2.97 -17.60
CA TYR A 184 -3.09 -3.09 -17.69
C TYR A 184 -2.54 -4.14 -16.70
N ALA A 185 -3.05 -4.09 -15.46
CA ALA A 185 -2.61 -4.98 -14.41
C ALA A 185 -3.03 -6.38 -14.77
N GLN A 186 -4.24 -6.50 -15.33
CA GLN A 186 -4.77 -7.79 -15.73
C GLN A 186 -3.96 -8.43 -16.87
N GLN A 187 -3.50 -7.61 -17.80
CA GLN A 187 -2.65 -8.07 -18.92
C GLN A 187 -1.27 -8.52 -18.41
N LEU A 188 -0.62 -7.67 -17.61
CA LEU A 188 0.62 -8.06 -16.91
C LEU A 188 0.43 -9.34 -16.11
N GLY A 189 -0.72 -9.47 -15.45
CA GLY A 189 -1.04 -10.64 -14.63
C GLY A 189 -1.06 -11.94 -15.43
N GLN A 190 -1.69 -11.90 -16.60
CA GLN A 190 -1.74 -13.08 -17.49
C GLN A 190 -0.37 -13.41 -18.07
N LYS A 191 0.43 -12.37 -18.30
CA LYS A 191 1.80 -12.51 -18.78
C LYS A 191 2.63 -13.33 -17.78
N ILE A 192 2.65 -12.88 -16.53
CA ILE A 192 3.37 -13.56 -15.44
C ILE A 192 2.85 -14.97 -15.21
N ALA A 193 1.52 -15.13 -15.25
CA ALA A 193 0.89 -16.40 -14.96
C ALA A 193 1.17 -17.50 -15.99
N LYS A 194 1.92 -17.16 -17.05
CA LYS A 194 2.34 -18.16 -18.04
C LYS A 194 3.37 -19.12 -17.42
N SER A 195 4.08 -18.64 -16.40
CA SER A 195 5.13 -19.41 -15.73
C SER A 195 4.59 -20.45 -14.76
N PRO A 196 5.36 -21.55 -14.51
CA PRO A 196 4.95 -22.49 -13.48
C PRO A 196 4.79 -21.79 -12.14
N ARG A 197 3.76 -22.15 -11.38
CA ARG A 197 3.55 -21.55 -10.06
C ARG A 197 4.75 -21.71 -9.14
N LEU A 198 5.37 -22.90 -9.15
CA LEU A 198 6.54 -23.16 -8.33
C LEU A 198 7.70 -22.20 -8.60
N SER A 199 7.91 -21.86 -9.88
CA SER A 199 8.97 -20.95 -10.28
C SER A 199 8.64 -19.52 -9.81
N LEU A 200 7.36 -19.15 -9.92
CA LEU A 200 6.85 -17.85 -9.48
C LEU A 200 7.02 -17.65 -7.98
N VAL A 201 6.70 -18.70 -7.22
CA VAL A 201 6.85 -18.68 -5.76
C VAL A 201 8.33 -18.61 -5.39
N ALA A 202 9.16 -19.43 -6.04
CA ALA A 202 10.59 -19.45 -5.77
C ALA A 202 11.26 -18.11 -6.12
N LEU A 203 10.90 -17.58 -7.29
CA LEU A 203 11.48 -16.33 -7.76
C LEU A 203 11.11 -15.18 -6.83
N LYS A 204 9.85 -15.10 -6.42
CA LYS A 204 9.39 -14.05 -5.53
C LYS A 204 10.17 -14.06 -4.22
N GLN A 205 10.33 -15.23 -3.63
CA GLN A 205 11.09 -15.36 -2.40
C GLN A 205 12.52 -14.87 -2.58
N HIS A 206 13.12 -15.20 -3.72
CA HIS A 206 14.52 -14.88 -3.99
C HIS A 206 14.67 -13.38 -4.15
N LEU A 207 13.78 -12.76 -4.92
CA LEU A 207 13.89 -11.35 -5.24
C LEU A 207 13.56 -10.48 -4.05
N SER A 208 12.73 -10.99 -3.16
CA SER A 208 12.29 -10.30 -1.93
C SER A 208 13.23 -10.42 -0.72
N ALA A 209 14.24 -11.28 -0.82
CA ALA A 209 15.05 -11.68 0.33
C ALA A 209 15.80 -10.51 0.97
N ASP A 210 16.39 -9.65 0.14
CA ASP A 210 17.11 -8.48 0.64
C ASP A 210 16.20 -7.59 1.48
N ILE A 211 15.08 -7.15 0.90
CA ILE A 211 14.10 -6.33 1.64
C ILE A 211 13.54 -7.09 2.86
N LYS A 212 13.21 -8.37 2.68
CA LYS A 212 12.64 -9.20 3.75
C LYS A 212 13.59 -9.27 4.95
N ALA A 213 14.89 -9.34 4.68
CA ALA A 213 15.91 -9.41 5.71
C ALA A 213 16.03 -8.12 6.52
N LYS A 214 15.82 -6.98 5.86
CA LYS A 214 15.89 -5.65 6.50
C LYS A 214 14.59 -5.21 7.17
N PHE A 215 13.49 -5.83 6.80
CA PHE A 215 12.16 -5.34 7.16
C PHE A 215 11.82 -5.31 8.67
N PRO A 216 12.00 -6.43 9.40
CA PRO A 216 11.65 -6.39 10.83
C PRO A 216 12.37 -5.25 11.56
N GLU A 217 13.66 -5.07 11.32
CA GLU A 217 14.41 -3.99 11.93
C GLU A 217 13.93 -2.60 11.49
N ALA A 218 13.69 -2.42 10.18
CA ALA A 218 13.19 -1.15 9.67
C ALA A 218 11.86 -0.78 10.32
N ILE A 219 10.95 -1.75 10.40
CA ILE A 219 9.60 -1.58 11.00
C ILE A 219 9.71 -1.12 12.46
N LYS A 220 10.58 -1.81 13.21
CA LYS A 220 10.78 -1.52 14.63
C LYS A 220 11.39 -0.13 14.82
N LYS A 221 12.41 0.18 14.02
CA LYS A 221 13.09 1.48 14.12
C LYS A 221 12.18 2.67 13.82
N GLU A 222 11.39 2.54 12.75
CA GLU A 222 10.46 3.61 12.38
C GLU A 222 9.39 3.82 13.43
N LEU A 223 8.91 2.73 14.00
CA LEU A 223 7.93 2.80 15.08
C LEU A 223 8.47 3.51 16.31
N GLU A 224 9.71 3.17 16.73
CA GLU A 224 10.36 3.87 17.84
CA GLU A 224 10.36 3.87 17.84
C GLU A 224 10.34 5.38 17.64
N ILE A 225 10.67 5.81 16.41
CA ILE A 225 10.75 7.23 16.09
C ILE A 225 9.35 7.84 15.97
N HIS A 226 8.43 7.10 15.34
CA HIS A 226 7.05 7.56 15.23
C HIS A 226 6.42 7.82 16.60
N GLN A 227 6.60 6.89 17.53
CA GLN A 227 6.05 7.02 18.89
C GLN A 227 6.54 8.29 19.58
N VAL A 228 7.78 8.68 19.35
CA VAL A 228 8.26 9.97 19.85
C VAL A 228 7.65 11.18 19.12
N THR A 229 7.64 11.18 17.78
CA THR A 229 7.28 12.39 17.06
C THR A 229 5.77 12.58 17.00
N PHE A 230 5.02 11.48 17.01
CA PHE A 230 3.56 11.52 16.96
C PHE A 230 2.98 12.08 18.26
N ASN A 231 3.64 11.74 19.36
CA ASN A 231 3.16 12.08 20.71
C ASN A 231 3.85 13.33 21.20
N GLN A 232 3.82 14.38 20.40
CA GLN A 232 4.27 15.66 20.89
CA GLN A 232 4.30 15.72 20.79
C GLN A 232 3.03 16.53 21.04
N PRO A 233 3.07 17.50 21.99
CA PRO A 233 1.84 18.28 22.26
C PRO A 233 1.10 18.92 21.06
N GLU A 234 1.82 19.48 20.10
CA GLU A 234 1.20 20.22 18.98
C GLU A 234 0.53 19.35 17.91
N ILE A 235 0.75 18.03 17.97
CA ILE A 235 0.30 17.13 16.93
C ILE A 235 -1.24 17.04 16.77
N ALA A 236 -1.97 16.96 17.89
CA ALA A 236 -3.44 16.84 17.81
C ALA A 236 -4.02 18.02 17.03
N SER A 237 -3.53 19.22 17.31
CA SER A 237 -4.01 20.42 16.65
C SER A 237 -3.65 20.43 15.15
N ARG A 238 -2.47 19.92 14.80
CA ARG A 238 -2.09 19.82 13.39
C ARG A 238 -3.02 18.89 12.63
N ILE A 239 -3.35 17.76 13.24
CA ILE A 239 -4.31 16.83 12.64
C ILE A 239 -5.66 17.53 12.45
N GLN A 240 -6.10 18.26 13.48
CA GLN A 240 -7.37 18.98 13.41
C GLN A 240 -7.41 19.95 12.22
N GLN A 241 -6.31 20.62 11.95
CA GLN A 241 -6.27 21.57 10.84
C GLN A 241 -6.26 20.90 9.46
N GLU A 242 -6.11 19.57 9.43
CA GLU A 242 -6.17 18.84 8.16
C GLU A 242 -7.55 18.30 7.77
N PHE A 243 -8.51 18.33 8.70
CA PHE A 243 -9.90 18.03 8.35
C PHE A 243 -10.41 18.92 7.21
C1 GOL B . -1.52 3.57 10.19
C1 GOL B . -1.23 3.89 10.80
O1 GOL B . -1.34 2.17 10.12
O1 GOL B . -1.76 2.93 11.70
C2 GOL B . -0.75 4.16 11.36
C2 GOL B . -0.53 5.01 11.57
O2 GOL B . -1.49 3.94 12.55
O2 GOL B . -1.11 5.14 12.85
C3 GOL B . -0.55 5.65 11.15
C3 GOL B . -0.60 6.37 10.85
O3 GOL B . 0.16 6.22 12.25
O3 GOL B . -0.74 6.26 9.46
C1 GOL C . 15.32 0.77 -7.58
O1 GOL C . 16.55 0.35 -8.16
C2 GOL C . 14.46 1.54 -8.58
O2 GOL C . 13.37 2.11 -7.91
C3 GOL C . 13.89 0.63 -9.67
O3 GOL C . 14.30 1.10 -10.94
#